data_1JQT
# 
_entry.id   1JQT 
# 
_audit_conform.dict_name       mmcif_pdbx.dic 
_audit_conform.dict_version    5.386 
_audit_conform.dict_location   http://mmcif.pdb.org/dictionaries/ascii/mmcif_pdbx.dic 
# 
loop_
_database_2.database_id 
_database_2.database_code 
_database_2.pdbx_database_accession 
_database_2.pdbx_DOI 
PDB   1JQT         pdb_00001jqt 10.2210/pdb1jqt/pdb 
RCSB  RCSB014081   ?            ?                   
WWPDB D_1000014081 ?            ?                   
# 
loop_
_pdbx_audit_revision_history.ordinal 
_pdbx_audit_revision_history.data_content_type 
_pdbx_audit_revision_history.major_revision 
_pdbx_audit_revision_history.minor_revision 
_pdbx_audit_revision_history.revision_date 
1 'Structure model' 1 0 2001-09-07 
2 'Structure model' 1 1 2008-04-27 
3 'Structure model' 1 2 2011-07-13 
4 'Structure model' 1 3 2024-02-07 
# 
_pdbx_audit_revision_details.ordinal             1 
_pdbx_audit_revision_details.revision_ordinal    1 
_pdbx_audit_revision_details.data_content_type   'Structure model' 
_pdbx_audit_revision_details.provider            repository 
_pdbx_audit_revision_details.type                'Initial release' 
_pdbx_audit_revision_details.description         ? 
_pdbx_audit_revision_details.details             ? 
# 
loop_
_pdbx_audit_revision_group.ordinal 
_pdbx_audit_revision_group.revision_ordinal 
_pdbx_audit_revision_group.data_content_type 
_pdbx_audit_revision_group.group 
1 2 'Structure model' 'Version format compliance' 
2 3 'Structure model' 'Version format compliance' 
3 4 'Structure model' 'Data collection'           
4 4 'Structure model' 'Database references'       
# 
loop_
_pdbx_audit_revision_category.ordinal 
_pdbx_audit_revision_category.revision_ordinal 
_pdbx_audit_revision_category.data_content_type 
_pdbx_audit_revision_category.category 
1 4 'Structure model' chem_comp_atom 
2 4 'Structure model' chem_comp_bond 
3 4 'Structure model' database_2     
4 4 'Structure model' em_image_scans 
# 
loop_
_pdbx_audit_revision_item.ordinal 
_pdbx_audit_revision_item.revision_ordinal 
_pdbx_audit_revision_item.data_content_type 
_pdbx_audit_revision_item.item 
1 4 'Structure model' '_database_2.pdbx_DOI'                
2 4 'Structure model' '_database_2.pdbx_database_accession' 
# 
_pdbx_database_status.status_code                     REL 
_pdbx_database_status.entry_id                        1JQT 
_pdbx_database_status.recvd_initial_deposition_date   2001-08-07 
_pdbx_database_status.deposit_site                    RCSB 
_pdbx_database_status.process_site                    RCSB 
_pdbx_database_status.SG_entry                        . 
_pdbx_database_status.status_code_sf                  ? 
_pdbx_database_status.status_code_mr                  ? 
_pdbx_database_status.pdb_format_compatible           Y 
_pdbx_database_status.status_code_cs                  ? 
_pdbx_database_status.status_code_nmr_data            ? 
_pdbx_database_status.methods_development_category    ? 
# 
_pdbx_database_related.db_name        PDB 
_pdbx_database_related.db_id          1EG0 
_pdbx_database_related.details        
;Fitting of Components with Known Structure Into An 11.5A Cryo-EM Map Of the 
E.coli 70s Ribosome
;
_pdbx_database_related.content_type   unspecified 
# 
loop_
_audit_author.name 
_audit_author.pdbx_ordinal 
'Agrawal, R.K.'  1 
'Linde, J.'      2 
'Segupta, J.'    3 
'Nierhaus, K.H.' 4 
'Frank, J.'      5 
# 
loop_
_citation.id 
_citation.title 
_citation.journal_abbrev 
_citation.journal_volume 
_citation.page_first 
_citation.page_last 
_citation.year 
_citation.journal_id_ASTM 
_citation.country 
_citation.journal_id_ISSN 
_citation.journal_id_CSD 
_citation.book_publisher 
_citation.pdbx_database_id_PubMed 
_citation.pdbx_database_id_DOI 
primary 'Localization of L11 protein on the ribosome and elucidation of its involvement in EF-G-dependent translocation.'     
J.Mol.Biol.             311 777 787 2001 JMOBAK UK 0022-2836 0070 ? 11518530 10.1006/jmbi.2001.4907          
1       'A Detailed View of a Ribosomal Active Site: The Structure of the L11-RNA Complex'                                    
'Cell(Cambridge,Mass.)' 97  491 502 1999 CELLB5 US 0092-8674 0998 ? ?        '10.1016/S0092-8674(00)80759-X' 
2       'EF-G-dependent GTP hydrolysis induces solution structure of the E. coli 70S ribosome at 11.5A resolution'            
'Cell(Cambridge,Mass.)' 100 537 549 2000 CELLB5 US 0092-8674 0998 ? ?        '10.1016/S0092-8674(00)80690-X' 
3       'EF-G-dependent GTP hydrolysis induces translocation accompanied by large conformational changes in the 70S ribosome' 
Nat.Struct.Biol.        6   643 647 1999 NSBIEW US 1072-8368 2024 ? ?        10.1038/10695                   
# 
loop_
_citation_author.citation_id 
_citation_author.name 
_citation_author.ordinal 
_citation_author.identifier_ORCID 
primary 'Agrawal, R.K.'    1  ? 
primary 'Linde, J.'        2  ? 
primary 'Sengupta, J.'     3  ? 
primary 'Nierhaus, K.H.'   4  ? 
primary 'Frank, J.'        5  ? 
1       'Wimberly, B.T.'   6  ? 
1       'Guymon, R.'       7  ? 
1       'McCutcheon, J.P.' 8  ? 
1       'White, S.W.'      9  ? 
1       'Ramakrishnan, V.' 10 ? 
2       'Gabashvili, I.S.' 11 ? 
2       'Agrawal, R.K.'    12 ? 
2       'Spahn, C.M.T.'    13 ? 
2       'Grassucci, R.A.'  14 ? 
2       'Svergun, D.I.'    15 ? 
2       'Frank, J.'        16 ? 
2       'Penczek, P.'      17 ? 
3       'Agrawal, R.K.'    18 ? 
3       'Heagle, A.B.'     19 ? 
3       'Penczek, P.'      20 ? 
3       'Grassucci, R.A.'  21 ? 
3       'Frank, J.'        22 ? 
# 
_entity.id                         1 
_entity.type                       polymer 
_entity.src_method                 nat 
_entity.pdbx_description           '50S Ribosomal protein L11' 
_entity.formula_weight             14865.637 
_entity.pdbx_number_of_molecules   1 
_entity.pdbx_ec                    ? 
_entity.pdbx_mutation              ? 
_entity.pdbx_fragment              ? 
_entity.details                    'L11 from E. coli 70S ribosome modeled by crystal structure of L11 from Thermatogoma maritima' 
# 
_entity_poly.entity_id                      1 
_entity_poly.type                           'polypeptide(L)' 
_entity_poly.nstd_linkage                   no 
_entity_poly.nstd_monomer                   no 
_entity_poly.pdbx_seq_one_letter_code       
;AKKVAAQIKLQLPAGKATPAPPVGPALGQHGVNIMEFCKRFNAETADKAGMILPVVITVYEDKSFTFIIKTPPASFLLKK
AAGIEKGSSEPKRKIVGKVTRKQIEEIAKTKMPDLNANSLEAAMKIIEGTAKSMGIEVV
;
_entity_poly.pdbx_seq_one_letter_code_can   
;AKKVAAQIKLQLPAGKATPAPPVGPALGQHGVNIMEFCKRFNAETADKAGMILPVVITVYEDKSFTFIIKTPPASFLLKK
AAGIEKGSSEPKRKIVGKVTRKQIEEIAKTKMPDLNANSLEAAMKIIEGTAKSMGIEVV
;
_entity_poly.pdbx_strand_id                 A 
_entity_poly.pdbx_target_identifier         ? 
# 
loop_
_entity_poly_seq.entity_id 
_entity_poly_seq.num 
_entity_poly_seq.mon_id 
_entity_poly_seq.hetero 
1 1   ALA n 
1 2   LYS n 
1 3   LYS n 
1 4   VAL n 
1 5   ALA n 
1 6   ALA n 
1 7   GLN n 
1 8   ILE n 
1 9   LYS n 
1 10  LEU n 
1 11  GLN n 
1 12  LEU n 
1 13  PRO n 
1 14  ALA n 
1 15  GLY n 
1 16  LYS n 
1 17  ALA n 
1 18  THR n 
1 19  PRO n 
1 20  ALA n 
1 21  PRO n 
1 22  PRO n 
1 23  VAL n 
1 24  GLY n 
1 25  PRO n 
1 26  ALA n 
1 27  LEU n 
1 28  GLY n 
1 29  GLN n 
1 30  HIS n 
1 31  GLY n 
1 32  VAL n 
1 33  ASN n 
1 34  ILE n 
1 35  MET n 
1 36  GLU n 
1 37  PHE n 
1 38  CYS n 
1 39  LYS n 
1 40  ARG n 
1 41  PHE n 
1 42  ASN n 
1 43  ALA n 
1 44  GLU n 
1 45  THR n 
1 46  ALA n 
1 47  ASP n 
1 48  LYS n 
1 49  ALA n 
1 50  GLY n 
1 51  MET n 
1 52  ILE n 
1 53  LEU n 
1 54  PRO n 
1 55  VAL n 
1 56  VAL n 
1 57  ILE n 
1 58  THR n 
1 59  VAL n 
1 60  TYR n 
1 61  GLU n 
1 62  ASP n 
1 63  LYS n 
1 64  SER n 
1 65  PHE n 
1 66  THR n 
1 67  PHE n 
1 68  ILE n 
1 69  ILE n 
1 70  LYS n 
1 71  THR n 
1 72  PRO n 
1 73  PRO n 
1 74  ALA n 
1 75  SER n 
1 76  PHE n 
1 77  LEU n 
1 78  LEU n 
1 79  LYS n 
1 80  LYS n 
1 81  ALA n 
1 82  ALA n 
1 83  GLY n 
1 84  ILE n 
1 85  GLU n 
1 86  LYS n 
1 87  GLY n 
1 88  SER n 
1 89  SER n 
1 90  GLU n 
1 91  PRO n 
1 92  LYS n 
1 93  ARG n 
1 94  LYS n 
1 95  ILE n 
1 96  VAL n 
1 97  GLY n 
1 98  LYS n 
1 99  VAL n 
1 100 THR n 
1 101 ARG n 
1 102 LYS n 
1 103 GLN n 
1 104 ILE n 
1 105 GLU n 
1 106 GLU n 
1 107 ILE n 
1 108 ALA n 
1 109 LYS n 
1 110 THR n 
1 111 LYS n 
1 112 MET n 
1 113 PRO n 
1 114 ASP n 
1 115 LEU n 
1 116 ASN n 
1 117 ALA n 
1 118 ASN n 
1 119 SER n 
1 120 LEU n 
1 121 GLU n 
1 122 ALA n 
1 123 ALA n 
1 124 MET n 
1 125 LYS n 
1 126 ILE n 
1 127 ILE n 
1 128 GLU n 
1 129 GLY n 
1 130 THR n 
1 131 ALA n 
1 132 LYS n 
1 133 SER n 
1 134 MET n 
1 135 GLY n 
1 136 ILE n 
1 137 GLU n 
1 138 VAL n 
1 139 VAL n 
# 
_entity_src_nat.entity_id                  1 
_entity_src_nat.pdbx_src_id                1 
_entity_src_nat.pdbx_alt_source_flag       sample 
_entity_src_nat.pdbx_beg_seq_num           ? 
_entity_src_nat.pdbx_end_seq_num           ? 
_entity_src_nat.common_name                ? 
_entity_src_nat.pdbx_organism_scientific   'Escherichia coli' 
_entity_src_nat.pdbx_ncbi_taxonomy_id      562 
_entity_src_nat.genus                      Escherichia 
_entity_src_nat.species                    ? 
_entity_src_nat.strain                     ? 
_entity_src_nat.tissue                     ? 
_entity_src_nat.tissue_fraction            ? 
_entity_src_nat.pdbx_secretion             ? 
_entity_src_nat.pdbx_fragment              ? 
_entity_src_nat.pdbx_variant               ? 
_entity_src_nat.pdbx_cell_line             ? 
_entity_src_nat.pdbx_atcc                  ? 
_entity_src_nat.pdbx_cellular_location     ? 
_entity_src_nat.pdbx_organ                 ? 
_entity_src_nat.pdbx_organelle             ? 
_entity_src_nat.pdbx_cell                  ? 
_entity_src_nat.pdbx_plasmid_name          ? 
_entity_src_nat.pdbx_plasmid_details       ? 
_entity_src_nat.details                    ? 
# 
loop_
_chem_comp.id 
_chem_comp.type 
_chem_comp.mon_nstd_flag 
_chem_comp.name 
_chem_comp.pdbx_synonyms 
_chem_comp.formula 
_chem_comp.formula_weight 
ALA 'L-peptide linking' y ALANINE         ? 'C3 H7 N O2'     89.093  
ARG 'L-peptide linking' y ARGININE        ? 'C6 H15 N4 O2 1' 175.209 
ASN 'L-peptide linking' y ASPARAGINE      ? 'C4 H8 N2 O3'    132.118 
ASP 'L-peptide linking' y 'ASPARTIC ACID' ? 'C4 H7 N O4'     133.103 
CYS 'L-peptide linking' y CYSTEINE        ? 'C3 H7 N O2 S'   121.158 
GLN 'L-peptide linking' y GLUTAMINE       ? 'C5 H10 N2 O3'   146.144 
GLU 'L-peptide linking' y 'GLUTAMIC ACID' ? 'C5 H9 N O4'     147.129 
GLY 'peptide linking'   y GLYCINE         ? 'C2 H5 N O2'     75.067  
HIS 'L-peptide linking' y HISTIDINE       ? 'C6 H10 N3 O2 1' 156.162 
ILE 'L-peptide linking' y ISOLEUCINE      ? 'C6 H13 N O2'    131.173 
LEU 'L-peptide linking' y LEUCINE         ? 'C6 H13 N O2'    131.173 
LYS 'L-peptide linking' y LYSINE          ? 'C6 H15 N2 O2 1' 147.195 
MET 'L-peptide linking' y METHIONINE      ? 'C5 H11 N O2 S'  149.211 
PHE 'L-peptide linking' y PHENYLALANINE   ? 'C9 H11 N O2'    165.189 
PRO 'L-peptide linking' y PROLINE         ? 'C5 H9 N O2'     115.130 
SER 'L-peptide linking' y SERINE          ? 'C3 H7 N O3'     105.093 
THR 'L-peptide linking' y THREONINE       ? 'C4 H9 N O3'     119.119 
TYR 'L-peptide linking' y TYROSINE        ? 'C9 H11 N O3'    181.189 
VAL 'L-peptide linking' y VALINE          ? 'C5 H11 N O2'    117.146 
# 
loop_
_pdbx_poly_seq_scheme.asym_id 
_pdbx_poly_seq_scheme.entity_id 
_pdbx_poly_seq_scheme.seq_id 
_pdbx_poly_seq_scheme.mon_id 
_pdbx_poly_seq_scheme.ndb_seq_num 
_pdbx_poly_seq_scheme.pdb_seq_num 
_pdbx_poly_seq_scheme.auth_seq_num 
_pdbx_poly_seq_scheme.pdb_mon_id 
_pdbx_poly_seq_scheme.auth_mon_id 
_pdbx_poly_seq_scheme.pdb_strand_id 
_pdbx_poly_seq_scheme.pdb_ins_code 
_pdbx_poly_seq_scheme.hetero 
A 1 1   ALA 1   -5  ?   ?   ?   A . n 
A 1 2   LYS 2   -4  ?   ?   ?   A . n 
A 1 3   LYS 3   -3  ?   ?   ?   A . n 
A 1 4   VAL 4   -2  ?   ?   ?   A . n 
A 1 5   ALA 5   -1  ?   ?   ?   A . n 
A 1 6   ALA 6   0   ?   ?   ?   A . n 
A 1 7   GLN 7   1   1   GLN GLN A . n 
A 1 8   ILE 8   2   2   ILE ILE A . n 
A 1 9   LYS 9   3   3   LYS LYS A . n 
A 1 10  LEU 10  4   4   LEU LEU A . n 
A 1 11  GLN 11  5   5   GLN GLN A . n 
A 1 12  LEU 12  6   6   LEU LEU A . n 
A 1 13  PRO 13  7   7   PRO PRO A . n 
A 1 14  ALA 14  8   8   ALA ALA A . n 
A 1 15  GLY 15  9   9   GLY GLY A . n 
A 1 16  LYS 16  10  10  LYS LYS A . n 
A 1 17  ALA 17  11  11  ALA ALA A . n 
A 1 18  THR 18  12  12  THR THR A . n 
A 1 19  PRO 19  13  13  PRO PRO A . n 
A 1 20  ALA 20  14  14  ALA ALA A . n 
A 1 21  PRO 21  15  15  PRO PRO A . n 
A 1 22  PRO 22  16  16  PRO PRO A . n 
A 1 23  VAL 23  17  17  VAL VAL A . n 
A 1 24  GLY 24  18  18  GLY GLY A . n 
A 1 25  PRO 25  19  19  PRO PRO A . n 
A 1 26  ALA 26  20  20  ALA ALA A . n 
A 1 27  LEU 27  21  21  LEU LEU A . n 
A 1 28  GLY 28  22  22  GLY GLY A . n 
A 1 29  GLN 29  23  23  GLN GLN A . n 
A 1 30  HIS 30  24  24  HIS HIS A . n 
A 1 31  GLY 31  25  25  GLY GLY A . n 
A 1 32  VAL 32  26  26  VAL VAL A . n 
A 1 33  ASN 33  27  27  ASN ASN A . n 
A 1 34  ILE 34  28  28  ILE ILE A . n 
A 1 35  MET 35  29  29  MET MET A . n 
A 1 36  GLU 36  30  30  GLU GLU A . n 
A 1 37  PHE 37  31  31  PHE PHE A . n 
A 1 38  CYS 38  32  32  CYS CYS A . n 
A 1 39  LYS 39  33  33  LYS LYS A . n 
A 1 40  ARG 40  34  34  ARG ARG A . n 
A 1 41  PHE 41  35  35  PHE PHE A . n 
A 1 42  ASN 42  36  36  ASN ASN A . n 
A 1 43  ALA 43  37  37  ALA ALA A . n 
A 1 44  GLU 44  38  38  GLU GLU A . n 
A 1 45  THR 45  39  39  THR THR A . n 
A 1 46  ALA 46  40  40  ALA ALA A . n 
A 1 47  ASP 47  41  41  ASP ASP A . n 
A 1 48  LYS 48  42  42  LYS LYS A . n 
A 1 49  ALA 49  43  43  ALA ALA A . n 
A 1 50  GLY 50  44  44  GLY GLY A . n 
A 1 51  MET 51  45  45  MET MET A . n 
A 1 52  ILE 52  46  46  ILE ILE A . n 
A 1 53  LEU 53  47  47  LEU LEU A . n 
A 1 54  PRO 54  48  48  PRO PRO A . n 
A 1 55  VAL 55  49  49  VAL VAL A . n 
A 1 56  VAL 56  50  50  VAL VAL A . n 
A 1 57  ILE 57  51  51  ILE ILE A . n 
A 1 58  THR 58  52  52  THR THR A . n 
A 1 59  VAL 59  53  53  VAL VAL A . n 
A 1 60  TYR 60  54  54  TYR TYR A . n 
A 1 61  GLU 61  55  55  GLU GLU A . n 
A 1 62  ASP 62  56  56  ASP ASP A . n 
A 1 63  LYS 63  57  57  LYS LYS A . n 
A 1 64  SER 64  58  58  SER SER A . n 
A 1 65  PHE 65  59  59  PHE PHE A . n 
A 1 66  THR 66  60  60  THR THR A . n 
A 1 67  PHE 67  61  61  PHE PHE A . n 
A 1 68  ILE 68  62  62  ILE ILE A . n 
A 1 69  ILE 69  63  63  ILE ILE A . n 
A 1 70  LYS 70  64  64  LYS LYS A . n 
A 1 71  THR 71  65  65  THR THR A . n 
A 1 72  PRO 72  66  66  PRO PRO A . n 
A 1 73  PRO 73  67  67  PRO PRO A . n 
A 1 74  ALA 74  68  68  ALA ALA A . n 
A 1 75  SER 75  69  69  SER SER A . n 
A 1 76  PHE 76  70  70  PHE PHE A . n 
A 1 77  LEU 77  71  71  LEU LEU A . n 
A 1 78  LEU 78  72  72  LEU LEU A . n 
A 1 79  LYS 79  73  73  LYS LYS A . n 
A 1 80  LYS 80  74  74  LYS LYS A . n 
A 1 81  ALA 81  75  75  ALA ALA A . n 
A 1 82  ALA 82  76  76  ALA ALA A . n 
A 1 83  GLY 83  77  77  GLY GLY A . n 
A 1 84  ILE 84  78  78  ILE ILE A . n 
A 1 85  GLU 85  79  79  GLU GLU A . n 
A 1 86  LYS 86  80  80  LYS LYS A . n 
A 1 87  GLY 87  81  81  GLY GLY A . n 
A 1 88  SER 88  82  82  SER SER A . n 
A 1 89  SER 89  83  83  SER SER A . n 
A 1 90  GLU 90  84  84  GLU GLU A . n 
A 1 91  PRO 91  85  85  PRO PRO A . n 
A 1 92  LYS 92  86  86  LYS LYS A . n 
A 1 93  ARG 93  87  87  ARG ARG A . n 
A 1 94  LYS 94  88  88  LYS LYS A . n 
A 1 95  ILE 95  89  89  ILE ILE A . n 
A 1 96  VAL 96  90  90  VAL VAL A . n 
A 1 97  GLY 97  91  91  GLY GLY A . n 
A 1 98  LYS 98  92  92  LYS LYS A . n 
A 1 99  VAL 99  93  93  VAL VAL A . n 
A 1 100 THR 100 94  94  THR THR A . n 
A 1 101 ARG 101 95  95  ARG ARG A . n 
A 1 102 LYS 102 96  96  LYS LYS A . n 
A 1 103 GLN 103 97  97  GLN GLN A . n 
A 1 104 ILE 104 98  98  ILE ILE A . n 
A 1 105 GLU 105 99  99  GLU GLU A . n 
A 1 106 GLU 106 100 100 GLU GLU A . n 
A 1 107 ILE 107 101 101 ILE ILE A . n 
A 1 108 ALA 108 102 102 ALA ALA A . n 
A 1 109 LYS 109 103 103 LYS LYS A . n 
A 1 110 THR 110 104 104 THR THR A . n 
A 1 111 LYS 111 105 105 LYS LYS A . n 
A 1 112 MET 112 106 106 MET MET A . n 
A 1 113 PRO 113 107 107 PRO PRO A . n 
A 1 114 ASP 114 108 108 ASP ASP A . n 
A 1 115 LEU 115 109 109 LEU LEU A . n 
A 1 116 ASN 116 110 110 ASN ASN A . n 
A 1 117 ALA 117 111 111 ALA ALA A . n 
A 1 118 ASN 118 112 112 ASN ASN A . n 
A 1 119 SER 119 113 113 SER SER A . n 
A 1 120 LEU 120 114 114 LEU LEU A . n 
A 1 121 GLU 121 115 115 GLU GLU A . n 
A 1 122 ALA 122 116 116 ALA ALA A . n 
A 1 123 ALA 123 117 117 ALA ALA A . n 
A 1 124 MET 124 118 118 MET MET A . n 
A 1 125 LYS 125 119 119 LYS LYS A . n 
A 1 126 ILE 126 120 120 ILE ILE A . n 
A 1 127 ILE 127 121 121 ILE ILE A . n 
A 1 128 GLU 128 122 122 GLU GLU A . n 
A 1 129 GLY 129 123 123 GLY GLY A . n 
A 1 130 THR 130 124 124 THR THR A . n 
A 1 131 ALA 131 125 125 ALA ALA A . n 
A 1 132 LYS 132 126 126 LYS LYS A . n 
A 1 133 SER 133 127 127 SER SER A . n 
A 1 134 MET 134 128 128 MET MET A . n 
A 1 135 GLY 135 129 129 GLY GLY A . n 
A 1 136 ILE 136 130 130 ILE ILE A . n 
A 1 137 GLU 137 131 131 GLU GLU A . n 
A 1 138 VAL 138 132 132 VAL VAL A . n 
A 1 139 VAL 139 133 133 VAL VAL A . n 
# 
_exptl.entry_id          1JQT 
_exptl.method            'ELECTRON MICROSCOPY' 
_exptl.crystals_number   ? 
# 
_refine_hist.pdbx_refine_id                   'ELECTRON MICROSCOPY' 
_refine_hist.cycle_id                         LAST 
_refine_hist.pdbx_number_atoms_protein        133 
_refine_hist.pdbx_number_atoms_nucleic_acid   0 
_refine_hist.pdbx_number_atoms_ligand         0 
_refine_hist.number_atoms_solvent             0 
_refine_hist.number_atoms_total               133 
_refine_hist.d_res_high                       . 
_refine_hist.d_res_low                        . 
# 
_struct.entry_id                  1JQT 
_struct.title                     'Fitting of L11 protein in the low resolution cryo-EM map of E.coli 70S ribosome' 
_struct.pdbx_model_details        ? 
_struct.pdbx_CASP_flag            ? 
_struct.pdbx_model_type_details   ? 
# 
_struct_keywords.entry_id        1JQT 
_struct_keywords.pdbx_keywords   RIBOSOME 
_struct_keywords.text            'L11, cryo-EM, 70S E.coli ribosome, RIBOSOME' 
# 
_struct_asym.id                            A 
_struct_asym.pdbx_blank_PDB_chainid_flag   N 
_struct_asym.pdbx_modified                 N 
_struct_asym.entity_id                     1 
_struct_asym.details                       ? 
# 
_struct_ref.id                         1 
_struct_ref.entity_id                  1 
_struct_ref.db_name                    UNP 
_struct_ref.db_code                    RL11_THEMA 
_struct_ref.pdbx_db_accession          P29395 
_struct_ref.pdbx_align_begin           1 
_struct_ref.pdbx_seq_one_letter_code   
;AKKVAAQIKLQLPAGKATPAPPVGPALGQHGVNIMEFCKRFNAETADKAGMILPVVITVYEDKSFTFIIKTPPASFLLKK
AAGIEKGSSEPKRKIVGKVTRKQIEEIAKTKMPDLNANSLEAAMKIIEGTAKSMGIEVV
;
_struct_ref.pdbx_db_isoform            ? 
# 
_struct_ref_seq.align_id                      1 
_struct_ref_seq.ref_id                        1 
_struct_ref_seq.pdbx_PDB_id_code              1JQT 
_struct_ref_seq.pdbx_strand_id                A 
_struct_ref_seq.seq_align_beg                 1 
_struct_ref_seq.pdbx_seq_align_beg_ins_code   ? 
_struct_ref_seq.seq_align_end                 139 
_struct_ref_seq.pdbx_seq_align_end_ins_code   ? 
_struct_ref_seq.pdbx_db_accession             P29395 
_struct_ref_seq.db_align_beg                  1 
_struct_ref_seq.pdbx_db_align_beg_ins_code    ? 
_struct_ref_seq.db_align_end                  139 
_struct_ref_seq.pdbx_db_align_end_ins_code    ? 
_struct_ref_seq.pdbx_auth_seq_align_beg       -5 
_struct_ref_seq.pdbx_auth_seq_align_end       133 
# 
_pdbx_struct_assembly.id                   1 
_pdbx_struct_assembly.details              author_defined_assembly 
_pdbx_struct_assembly.method_details       ? 
_pdbx_struct_assembly.oligomeric_details   monomeric 
_pdbx_struct_assembly.oligomeric_count     1 
# 
_pdbx_struct_assembly_gen.assembly_id       1 
_pdbx_struct_assembly_gen.oper_expression   1 
_pdbx_struct_assembly_gen.asym_id_list      A 
# 
_pdbx_struct_oper_list.id                   1 
_pdbx_struct_oper_list.type                 'identity operation' 
_pdbx_struct_oper_list.name                 1_555 
_pdbx_struct_oper_list.symmetry_operation   x,y,z 
_pdbx_struct_oper_list.matrix[1][1]         1.0000000000 
_pdbx_struct_oper_list.matrix[1][2]         0.0000000000 
_pdbx_struct_oper_list.matrix[1][3]         0.0000000000 
_pdbx_struct_oper_list.vector[1]            0.0000000000 
_pdbx_struct_oper_list.matrix[2][1]         0.0000000000 
_pdbx_struct_oper_list.matrix[2][2]         1.0000000000 
_pdbx_struct_oper_list.matrix[2][3]         0.0000000000 
_pdbx_struct_oper_list.vector[2]            0.0000000000 
_pdbx_struct_oper_list.matrix[3][1]         0.0000000000 
_pdbx_struct_oper_list.matrix[3][2]         0.0000000000 
_pdbx_struct_oper_list.matrix[3][3]         1.0000000000 
_pdbx_struct_oper_list.vector[3]            0.0000000000 
# 
_pdbx_nmr_details.entry_id   1JQT 
_pdbx_nmr_details.text       
;This structure was generated by fitting the X-ray crystal structure of
L11 into the 70S E. coli ribosome map. L11 (linker region between N and
C terminal) was modeled to accommodate the observed densities.
;
# 
_pdbx_nmr_refine.entry_id           1JQT 
_pdbx_nmr_refine.method             'Molecular Modeling based on crystal structures' 
_pdbx_nmr_refine.details            
;Conformational changes occur in protein L11 when it is bound to 70S
ribosome. This changed conformation was modeled based on the fitting
of the crystal coordinates to the low resolution ribosome map and
energy minimizing the fitted structures.
;
_pdbx_nmr_refine.software_ordinal   1 
# 
loop_
_pdbx_nmr_software.name 
_pdbx_nmr_software.version 
_pdbx_nmr_software.classification 
_pdbx_nmr_software.authors 
_pdbx_nmr_software.ordinal 
'IRIS Explorer' 3.5  'data analysis' 'Numerical Algorithms Group, Inc' 1 
O               5.10 'data analysis' 'Jones, Zou, Cowan, Kjeldgaard'   2 
SPIDER          4.48 processing      Frank                             3 
'Insight II'    1998 'data analysis' 'Biosym/MSI Inc.'                 4 
# 
_em_3d_fitting.id                1 
_em_3d_fitting.entry_id          1JQT 
_em_3d_fitting.ref_protocol      OTHER 
_em_3d_fitting.ref_space         REAL 
_em_3d_fitting.overall_b_value   ? 
_em_3d_fitting.target_criteria   'VISUAL AGREEMENT' 
_em_3d_fitting.details           
;REFINEMENT PROTOCOL--MANUAL DETAILS--This structure was generated by fitting 
the X-ray crystal structure of L11 into the 70S E. coli ribosome map. L11 
(linker region between N and C terminal) was modeled to accommodate the 
observed densities. Conformational changes occur in protein L11 and EF-G due to 
the binding of EF-G to the 70S ribosome. These changed conformations were 
modeled based on the fitting of the crystal coordinates to the low resolution 
ribosome map (factor-bound) and energy minimizing the fitted structures.
;
_em_3d_fitting.method            ? 
# 
_em_3d_reconstruction.entry_id                    1JQT 
_em_3d_reconstruction.id                          1 
_em_3d_reconstruction.symmetry_type               POINT 
_em_3d_reconstruction.image_processing_id         1 
_em_3d_reconstruction.method                      ? 
_em_3d_reconstruction.nominal_pixel_size          ? 
_em_3d_reconstruction.actual_pixel_size           ? 
_em_3d_reconstruction.resolution                  18 
_em_3d_reconstruction.magnification_calibration   ? 
_em_3d_reconstruction.details                     ? 
_em_3d_reconstruction.resolution_method           'FSC 0.5 CUT-OFF' 
_em_3d_reconstruction.num_class_averages          ? 
_em_3d_reconstruction.num_particles               36113 
_em_3d_reconstruction.algorithm                   ? 
# 
_em_entity_assembly.id                   1 
_em_entity_assembly.name                 '70S ribosome' 
_em_entity_assembly.type                 RIBOSOME 
_em_entity_assembly.parent_id            0 
_em_entity_assembly.synonym              ? 
_em_entity_assembly.details              ? 
_em_entity_assembly.oligomeric_details   ? 
# 
_em_imaging.entry_id                        1JQT 
_em_imaging.id                              1 
_em_imaging.specimen_id                     1 
_em_imaging.date                            ? 
_em_imaging.temperature                     ? 
_em_imaging.microscope_model                'FEI/PHILIPS EM420' 
_em_imaging.nominal_defocus_min             ? 
_em_imaging.nominal_defocus_max             ? 
_em_imaging.tilt_angle_min                  ? 
_em_imaging.tilt_angle_max                  ? 
_em_imaging.nominal_cs                      ? 
_em_imaging.mode                            'BRIGHT FIELD' 
_em_imaging.illumination_mode               'FLOOD BEAM' 
_em_imaging.nominal_magnification           52000 
_em_imaging.calibrated_magnification        ? 
_em_imaging.electron_source                 OTHER 
_em_imaging.accelerating_voltage            . 
_em_imaging.details                         ? 
_em_imaging.specimen_holder_type            . 
_em_imaging.specimen_holder_model           'GATAN LIQUID NITROGEN' 
_em_imaging.citation_id                     ? 
_em_imaging.detector_distance               ? 
_em_imaging.recording_temperature_maximum   ? 
_em_imaging.recording_temperature_minimum   ? 
_em_imaging.astigmatism                     ? 
_em_imaging.electron_beam_tilt_params       ? 
_em_imaging.calibrated_defocus_max          ? 
_em_imaging.alignment_procedure             ? 
_em_imaging.c2_aperture_diameter            ? 
_em_imaging.calibrated_defocus_min          ? 
_em_imaging.cryogen                         ? 
_em_imaging.residual_tilt                   ? 
# 
_em_experiment.reconstruction_method   'SINGLE PARTICLE' 
_em_experiment.entry_id                1JQT 
_em_experiment.id                      1 
_em_experiment.aggregation_state       PARTICLE 
_em_experiment.entity_assembly_id      1 
# 
_em_single_particle_entity.entry_id              1JQT 
_em_single_particle_entity.id                    1 
_em_single_particle_entity.point_symmetry        C1 
_em_single_particle_entity.image_processing_id   1 
# 
loop_
_pdbx_unobs_or_zero_occ_residues.id 
_pdbx_unobs_or_zero_occ_residues.PDB_model_num 
_pdbx_unobs_or_zero_occ_residues.polymer_flag 
_pdbx_unobs_or_zero_occ_residues.occupancy_flag 
_pdbx_unobs_or_zero_occ_residues.auth_asym_id 
_pdbx_unobs_or_zero_occ_residues.auth_comp_id 
_pdbx_unobs_or_zero_occ_residues.auth_seq_id 
_pdbx_unobs_or_zero_occ_residues.PDB_ins_code 
_pdbx_unobs_or_zero_occ_residues.label_asym_id 
_pdbx_unobs_or_zero_occ_residues.label_comp_id 
_pdbx_unobs_or_zero_occ_residues.label_seq_id 
1 1 Y 1 A ALA -5 ? A ALA 1 
2 1 Y 1 A LYS -4 ? A LYS 2 
3 1 Y 1 A LYS -3 ? A LYS 3 
4 1 Y 1 A VAL -2 ? A VAL 4 
5 1 Y 1 A ALA -1 ? A ALA 5 
6 1 Y 1 A ALA 0  ? A ALA 6 
# 
loop_
_chem_comp_atom.comp_id 
_chem_comp_atom.atom_id 
_chem_comp_atom.type_symbol 
_chem_comp_atom.pdbx_aromatic_flag 
_chem_comp_atom.pdbx_stereo_config 
_chem_comp_atom.pdbx_ordinal 
ALA N    N N N 1   
ALA CA   C N S 2   
ALA C    C N N 3   
ALA O    O N N 4   
ALA CB   C N N 5   
ALA OXT  O N N 6   
ALA H    H N N 7   
ALA H2   H N N 8   
ALA HA   H N N 9   
ALA HB1  H N N 10  
ALA HB2  H N N 11  
ALA HB3  H N N 12  
ALA HXT  H N N 13  
ARG N    N N N 14  
ARG CA   C N S 15  
ARG C    C N N 16  
ARG O    O N N 17  
ARG CB   C N N 18  
ARG CG   C N N 19  
ARG CD   C N N 20  
ARG NE   N N N 21  
ARG CZ   C N N 22  
ARG NH1  N N N 23  
ARG NH2  N N N 24  
ARG OXT  O N N 25  
ARG H    H N N 26  
ARG H2   H N N 27  
ARG HA   H N N 28  
ARG HB2  H N N 29  
ARG HB3  H N N 30  
ARG HG2  H N N 31  
ARG HG3  H N N 32  
ARG HD2  H N N 33  
ARG HD3  H N N 34  
ARG HE   H N N 35  
ARG HH11 H N N 36  
ARG HH12 H N N 37  
ARG HH21 H N N 38  
ARG HH22 H N N 39  
ARG HXT  H N N 40  
ASN N    N N N 41  
ASN CA   C N S 42  
ASN C    C N N 43  
ASN O    O N N 44  
ASN CB   C N N 45  
ASN CG   C N N 46  
ASN OD1  O N N 47  
ASN ND2  N N N 48  
ASN OXT  O N N 49  
ASN H    H N N 50  
ASN H2   H N N 51  
ASN HA   H N N 52  
ASN HB2  H N N 53  
ASN HB3  H N N 54  
ASN HD21 H N N 55  
ASN HD22 H N N 56  
ASN HXT  H N N 57  
ASP N    N N N 58  
ASP CA   C N S 59  
ASP C    C N N 60  
ASP O    O N N 61  
ASP CB   C N N 62  
ASP CG   C N N 63  
ASP OD1  O N N 64  
ASP OD2  O N N 65  
ASP OXT  O N N 66  
ASP H    H N N 67  
ASP H2   H N N 68  
ASP HA   H N N 69  
ASP HB2  H N N 70  
ASP HB3  H N N 71  
ASP HD2  H N N 72  
ASP HXT  H N N 73  
CYS N    N N N 74  
CYS CA   C N R 75  
CYS C    C N N 76  
CYS O    O N N 77  
CYS CB   C N N 78  
CYS SG   S N N 79  
CYS OXT  O N N 80  
CYS H    H N N 81  
CYS H2   H N N 82  
CYS HA   H N N 83  
CYS HB2  H N N 84  
CYS HB3  H N N 85  
CYS HG   H N N 86  
CYS HXT  H N N 87  
GLN N    N N N 88  
GLN CA   C N S 89  
GLN C    C N N 90  
GLN O    O N N 91  
GLN CB   C N N 92  
GLN CG   C N N 93  
GLN CD   C N N 94  
GLN OE1  O N N 95  
GLN NE2  N N N 96  
GLN OXT  O N N 97  
GLN H    H N N 98  
GLN H2   H N N 99  
GLN HA   H N N 100 
GLN HB2  H N N 101 
GLN HB3  H N N 102 
GLN HG2  H N N 103 
GLN HG3  H N N 104 
GLN HE21 H N N 105 
GLN HE22 H N N 106 
GLN HXT  H N N 107 
GLU N    N N N 108 
GLU CA   C N S 109 
GLU C    C N N 110 
GLU O    O N N 111 
GLU CB   C N N 112 
GLU CG   C N N 113 
GLU CD   C N N 114 
GLU OE1  O N N 115 
GLU OE2  O N N 116 
GLU OXT  O N N 117 
GLU H    H N N 118 
GLU H2   H N N 119 
GLU HA   H N N 120 
GLU HB2  H N N 121 
GLU HB3  H N N 122 
GLU HG2  H N N 123 
GLU HG3  H N N 124 
GLU HE2  H N N 125 
GLU HXT  H N N 126 
GLY N    N N N 127 
GLY CA   C N N 128 
GLY C    C N N 129 
GLY O    O N N 130 
GLY OXT  O N N 131 
GLY H    H N N 132 
GLY H2   H N N 133 
GLY HA2  H N N 134 
GLY HA3  H N N 135 
GLY HXT  H N N 136 
HIS N    N N N 137 
HIS CA   C N S 138 
HIS C    C N N 139 
HIS O    O N N 140 
HIS CB   C N N 141 
HIS CG   C Y N 142 
HIS ND1  N Y N 143 
HIS CD2  C Y N 144 
HIS CE1  C Y N 145 
HIS NE2  N Y N 146 
HIS OXT  O N N 147 
HIS H    H N N 148 
HIS H2   H N N 149 
HIS HA   H N N 150 
HIS HB2  H N N 151 
HIS HB3  H N N 152 
HIS HD1  H N N 153 
HIS HD2  H N N 154 
HIS HE1  H N N 155 
HIS HE2  H N N 156 
HIS HXT  H N N 157 
ILE N    N N N 158 
ILE CA   C N S 159 
ILE C    C N N 160 
ILE O    O N N 161 
ILE CB   C N S 162 
ILE CG1  C N N 163 
ILE CG2  C N N 164 
ILE CD1  C N N 165 
ILE OXT  O N N 166 
ILE H    H N N 167 
ILE H2   H N N 168 
ILE HA   H N N 169 
ILE HB   H N N 170 
ILE HG12 H N N 171 
ILE HG13 H N N 172 
ILE HG21 H N N 173 
ILE HG22 H N N 174 
ILE HG23 H N N 175 
ILE HD11 H N N 176 
ILE HD12 H N N 177 
ILE HD13 H N N 178 
ILE HXT  H N N 179 
LEU N    N N N 180 
LEU CA   C N S 181 
LEU C    C N N 182 
LEU O    O N N 183 
LEU CB   C N N 184 
LEU CG   C N N 185 
LEU CD1  C N N 186 
LEU CD2  C N N 187 
LEU OXT  O N N 188 
LEU H    H N N 189 
LEU H2   H N N 190 
LEU HA   H N N 191 
LEU HB2  H N N 192 
LEU HB3  H N N 193 
LEU HG   H N N 194 
LEU HD11 H N N 195 
LEU HD12 H N N 196 
LEU HD13 H N N 197 
LEU HD21 H N N 198 
LEU HD22 H N N 199 
LEU HD23 H N N 200 
LEU HXT  H N N 201 
LYS N    N N N 202 
LYS CA   C N S 203 
LYS C    C N N 204 
LYS O    O N N 205 
LYS CB   C N N 206 
LYS CG   C N N 207 
LYS CD   C N N 208 
LYS CE   C N N 209 
LYS NZ   N N N 210 
LYS OXT  O N N 211 
LYS H    H N N 212 
LYS H2   H N N 213 
LYS HA   H N N 214 
LYS HB2  H N N 215 
LYS HB3  H N N 216 
LYS HG2  H N N 217 
LYS HG3  H N N 218 
LYS HD2  H N N 219 
LYS HD3  H N N 220 
LYS HE2  H N N 221 
LYS HE3  H N N 222 
LYS HZ1  H N N 223 
LYS HZ2  H N N 224 
LYS HZ3  H N N 225 
LYS HXT  H N N 226 
MET N    N N N 227 
MET CA   C N S 228 
MET C    C N N 229 
MET O    O N N 230 
MET CB   C N N 231 
MET CG   C N N 232 
MET SD   S N N 233 
MET CE   C N N 234 
MET OXT  O N N 235 
MET H    H N N 236 
MET H2   H N N 237 
MET HA   H N N 238 
MET HB2  H N N 239 
MET HB3  H N N 240 
MET HG2  H N N 241 
MET HG3  H N N 242 
MET HE1  H N N 243 
MET HE2  H N N 244 
MET HE3  H N N 245 
MET HXT  H N N 246 
PHE N    N N N 247 
PHE CA   C N S 248 
PHE C    C N N 249 
PHE O    O N N 250 
PHE CB   C N N 251 
PHE CG   C Y N 252 
PHE CD1  C Y N 253 
PHE CD2  C Y N 254 
PHE CE1  C Y N 255 
PHE CE2  C Y N 256 
PHE CZ   C Y N 257 
PHE OXT  O N N 258 
PHE H    H N N 259 
PHE H2   H N N 260 
PHE HA   H N N 261 
PHE HB2  H N N 262 
PHE HB3  H N N 263 
PHE HD1  H N N 264 
PHE HD2  H N N 265 
PHE HE1  H N N 266 
PHE HE2  H N N 267 
PHE HZ   H N N 268 
PHE HXT  H N N 269 
PRO N    N N N 270 
PRO CA   C N S 271 
PRO C    C N N 272 
PRO O    O N N 273 
PRO CB   C N N 274 
PRO CG   C N N 275 
PRO CD   C N N 276 
PRO OXT  O N N 277 
PRO H    H N N 278 
PRO HA   H N N 279 
PRO HB2  H N N 280 
PRO HB3  H N N 281 
PRO HG2  H N N 282 
PRO HG3  H N N 283 
PRO HD2  H N N 284 
PRO HD3  H N N 285 
PRO HXT  H N N 286 
SER N    N N N 287 
SER CA   C N S 288 
SER C    C N N 289 
SER O    O N N 290 
SER CB   C N N 291 
SER OG   O N N 292 
SER OXT  O N N 293 
SER H    H N N 294 
SER H2   H N N 295 
SER HA   H N N 296 
SER HB2  H N N 297 
SER HB3  H N N 298 
SER HG   H N N 299 
SER HXT  H N N 300 
THR N    N N N 301 
THR CA   C N S 302 
THR C    C N N 303 
THR O    O N N 304 
THR CB   C N R 305 
THR OG1  O N N 306 
THR CG2  C N N 307 
THR OXT  O N N 308 
THR H    H N N 309 
THR H2   H N N 310 
THR HA   H N N 311 
THR HB   H N N 312 
THR HG1  H N N 313 
THR HG21 H N N 314 
THR HG22 H N N 315 
THR HG23 H N N 316 
THR HXT  H N N 317 
TYR N    N N N 318 
TYR CA   C N S 319 
TYR C    C N N 320 
TYR O    O N N 321 
TYR CB   C N N 322 
TYR CG   C Y N 323 
TYR CD1  C Y N 324 
TYR CD2  C Y N 325 
TYR CE1  C Y N 326 
TYR CE2  C Y N 327 
TYR CZ   C Y N 328 
TYR OH   O N N 329 
TYR OXT  O N N 330 
TYR H    H N N 331 
TYR H2   H N N 332 
TYR HA   H N N 333 
TYR HB2  H N N 334 
TYR HB3  H N N 335 
TYR HD1  H N N 336 
TYR HD2  H N N 337 
TYR HE1  H N N 338 
TYR HE2  H N N 339 
TYR HH   H N N 340 
TYR HXT  H N N 341 
VAL N    N N N 342 
VAL CA   C N S 343 
VAL C    C N N 344 
VAL O    O N N 345 
VAL CB   C N N 346 
VAL CG1  C N N 347 
VAL CG2  C N N 348 
VAL OXT  O N N 349 
VAL H    H N N 350 
VAL H2   H N N 351 
VAL HA   H N N 352 
VAL HB   H N N 353 
VAL HG11 H N N 354 
VAL HG12 H N N 355 
VAL HG13 H N N 356 
VAL HG21 H N N 357 
VAL HG22 H N N 358 
VAL HG23 H N N 359 
VAL HXT  H N N 360 
# 
loop_
_chem_comp_bond.comp_id 
_chem_comp_bond.atom_id_1 
_chem_comp_bond.atom_id_2 
_chem_comp_bond.value_order 
_chem_comp_bond.pdbx_aromatic_flag 
_chem_comp_bond.pdbx_stereo_config 
_chem_comp_bond.pdbx_ordinal 
ALA N   CA   sing N N 1   
ALA N   H    sing N N 2   
ALA N   H2   sing N N 3   
ALA CA  C    sing N N 4   
ALA CA  CB   sing N N 5   
ALA CA  HA   sing N N 6   
ALA C   O    doub N N 7   
ALA C   OXT  sing N N 8   
ALA CB  HB1  sing N N 9   
ALA CB  HB2  sing N N 10  
ALA CB  HB3  sing N N 11  
ALA OXT HXT  sing N N 12  
ARG N   CA   sing N N 13  
ARG N   H    sing N N 14  
ARG N   H2   sing N N 15  
ARG CA  C    sing N N 16  
ARG CA  CB   sing N N 17  
ARG CA  HA   sing N N 18  
ARG C   O    doub N N 19  
ARG C   OXT  sing N N 20  
ARG CB  CG   sing N N 21  
ARG CB  HB2  sing N N 22  
ARG CB  HB3  sing N N 23  
ARG CG  CD   sing N N 24  
ARG CG  HG2  sing N N 25  
ARG CG  HG3  sing N N 26  
ARG CD  NE   sing N N 27  
ARG CD  HD2  sing N N 28  
ARG CD  HD3  sing N N 29  
ARG NE  CZ   sing N N 30  
ARG NE  HE   sing N N 31  
ARG CZ  NH1  sing N N 32  
ARG CZ  NH2  doub N N 33  
ARG NH1 HH11 sing N N 34  
ARG NH1 HH12 sing N N 35  
ARG NH2 HH21 sing N N 36  
ARG NH2 HH22 sing N N 37  
ARG OXT HXT  sing N N 38  
ASN N   CA   sing N N 39  
ASN N   H    sing N N 40  
ASN N   H2   sing N N 41  
ASN CA  C    sing N N 42  
ASN CA  CB   sing N N 43  
ASN CA  HA   sing N N 44  
ASN C   O    doub N N 45  
ASN C   OXT  sing N N 46  
ASN CB  CG   sing N N 47  
ASN CB  HB2  sing N N 48  
ASN CB  HB3  sing N N 49  
ASN CG  OD1  doub N N 50  
ASN CG  ND2  sing N N 51  
ASN ND2 HD21 sing N N 52  
ASN ND2 HD22 sing N N 53  
ASN OXT HXT  sing N N 54  
ASP N   CA   sing N N 55  
ASP N   H    sing N N 56  
ASP N   H2   sing N N 57  
ASP CA  C    sing N N 58  
ASP CA  CB   sing N N 59  
ASP CA  HA   sing N N 60  
ASP C   O    doub N N 61  
ASP C   OXT  sing N N 62  
ASP CB  CG   sing N N 63  
ASP CB  HB2  sing N N 64  
ASP CB  HB3  sing N N 65  
ASP CG  OD1  doub N N 66  
ASP CG  OD2  sing N N 67  
ASP OD2 HD2  sing N N 68  
ASP OXT HXT  sing N N 69  
CYS N   CA   sing N N 70  
CYS N   H    sing N N 71  
CYS N   H2   sing N N 72  
CYS CA  C    sing N N 73  
CYS CA  CB   sing N N 74  
CYS CA  HA   sing N N 75  
CYS C   O    doub N N 76  
CYS C   OXT  sing N N 77  
CYS CB  SG   sing N N 78  
CYS CB  HB2  sing N N 79  
CYS CB  HB3  sing N N 80  
CYS SG  HG   sing N N 81  
CYS OXT HXT  sing N N 82  
GLN N   CA   sing N N 83  
GLN N   H    sing N N 84  
GLN N   H2   sing N N 85  
GLN CA  C    sing N N 86  
GLN CA  CB   sing N N 87  
GLN CA  HA   sing N N 88  
GLN C   O    doub N N 89  
GLN C   OXT  sing N N 90  
GLN CB  CG   sing N N 91  
GLN CB  HB2  sing N N 92  
GLN CB  HB3  sing N N 93  
GLN CG  CD   sing N N 94  
GLN CG  HG2  sing N N 95  
GLN CG  HG3  sing N N 96  
GLN CD  OE1  doub N N 97  
GLN CD  NE2  sing N N 98  
GLN NE2 HE21 sing N N 99  
GLN NE2 HE22 sing N N 100 
GLN OXT HXT  sing N N 101 
GLU N   CA   sing N N 102 
GLU N   H    sing N N 103 
GLU N   H2   sing N N 104 
GLU CA  C    sing N N 105 
GLU CA  CB   sing N N 106 
GLU CA  HA   sing N N 107 
GLU C   O    doub N N 108 
GLU C   OXT  sing N N 109 
GLU CB  CG   sing N N 110 
GLU CB  HB2  sing N N 111 
GLU CB  HB3  sing N N 112 
GLU CG  CD   sing N N 113 
GLU CG  HG2  sing N N 114 
GLU CG  HG3  sing N N 115 
GLU CD  OE1  doub N N 116 
GLU CD  OE2  sing N N 117 
GLU OE2 HE2  sing N N 118 
GLU OXT HXT  sing N N 119 
GLY N   CA   sing N N 120 
GLY N   H    sing N N 121 
GLY N   H2   sing N N 122 
GLY CA  C    sing N N 123 
GLY CA  HA2  sing N N 124 
GLY CA  HA3  sing N N 125 
GLY C   O    doub N N 126 
GLY C   OXT  sing N N 127 
GLY OXT HXT  sing N N 128 
HIS N   CA   sing N N 129 
HIS N   H    sing N N 130 
HIS N   H2   sing N N 131 
HIS CA  C    sing N N 132 
HIS CA  CB   sing N N 133 
HIS CA  HA   sing N N 134 
HIS C   O    doub N N 135 
HIS C   OXT  sing N N 136 
HIS CB  CG   sing N N 137 
HIS CB  HB2  sing N N 138 
HIS CB  HB3  sing N N 139 
HIS CG  ND1  sing Y N 140 
HIS CG  CD2  doub Y N 141 
HIS ND1 CE1  doub Y N 142 
HIS ND1 HD1  sing N N 143 
HIS CD2 NE2  sing Y N 144 
HIS CD2 HD2  sing N N 145 
HIS CE1 NE2  sing Y N 146 
HIS CE1 HE1  sing N N 147 
HIS NE2 HE2  sing N N 148 
HIS OXT HXT  sing N N 149 
ILE N   CA   sing N N 150 
ILE N   H    sing N N 151 
ILE N   H2   sing N N 152 
ILE CA  C    sing N N 153 
ILE CA  CB   sing N N 154 
ILE CA  HA   sing N N 155 
ILE C   O    doub N N 156 
ILE C   OXT  sing N N 157 
ILE CB  CG1  sing N N 158 
ILE CB  CG2  sing N N 159 
ILE CB  HB   sing N N 160 
ILE CG1 CD1  sing N N 161 
ILE CG1 HG12 sing N N 162 
ILE CG1 HG13 sing N N 163 
ILE CG2 HG21 sing N N 164 
ILE CG2 HG22 sing N N 165 
ILE CG2 HG23 sing N N 166 
ILE CD1 HD11 sing N N 167 
ILE CD1 HD12 sing N N 168 
ILE CD1 HD13 sing N N 169 
ILE OXT HXT  sing N N 170 
LEU N   CA   sing N N 171 
LEU N   H    sing N N 172 
LEU N   H2   sing N N 173 
LEU CA  C    sing N N 174 
LEU CA  CB   sing N N 175 
LEU CA  HA   sing N N 176 
LEU C   O    doub N N 177 
LEU C   OXT  sing N N 178 
LEU CB  CG   sing N N 179 
LEU CB  HB2  sing N N 180 
LEU CB  HB3  sing N N 181 
LEU CG  CD1  sing N N 182 
LEU CG  CD2  sing N N 183 
LEU CG  HG   sing N N 184 
LEU CD1 HD11 sing N N 185 
LEU CD1 HD12 sing N N 186 
LEU CD1 HD13 sing N N 187 
LEU CD2 HD21 sing N N 188 
LEU CD2 HD22 sing N N 189 
LEU CD2 HD23 sing N N 190 
LEU OXT HXT  sing N N 191 
LYS N   CA   sing N N 192 
LYS N   H    sing N N 193 
LYS N   H2   sing N N 194 
LYS CA  C    sing N N 195 
LYS CA  CB   sing N N 196 
LYS CA  HA   sing N N 197 
LYS C   O    doub N N 198 
LYS C   OXT  sing N N 199 
LYS CB  CG   sing N N 200 
LYS CB  HB2  sing N N 201 
LYS CB  HB3  sing N N 202 
LYS CG  CD   sing N N 203 
LYS CG  HG2  sing N N 204 
LYS CG  HG3  sing N N 205 
LYS CD  CE   sing N N 206 
LYS CD  HD2  sing N N 207 
LYS CD  HD3  sing N N 208 
LYS CE  NZ   sing N N 209 
LYS CE  HE2  sing N N 210 
LYS CE  HE3  sing N N 211 
LYS NZ  HZ1  sing N N 212 
LYS NZ  HZ2  sing N N 213 
LYS NZ  HZ3  sing N N 214 
LYS OXT HXT  sing N N 215 
MET N   CA   sing N N 216 
MET N   H    sing N N 217 
MET N   H2   sing N N 218 
MET CA  C    sing N N 219 
MET CA  CB   sing N N 220 
MET CA  HA   sing N N 221 
MET C   O    doub N N 222 
MET C   OXT  sing N N 223 
MET CB  CG   sing N N 224 
MET CB  HB2  sing N N 225 
MET CB  HB3  sing N N 226 
MET CG  SD   sing N N 227 
MET CG  HG2  sing N N 228 
MET CG  HG3  sing N N 229 
MET SD  CE   sing N N 230 
MET CE  HE1  sing N N 231 
MET CE  HE2  sing N N 232 
MET CE  HE3  sing N N 233 
MET OXT HXT  sing N N 234 
PHE N   CA   sing N N 235 
PHE N   H    sing N N 236 
PHE N   H2   sing N N 237 
PHE CA  C    sing N N 238 
PHE CA  CB   sing N N 239 
PHE CA  HA   sing N N 240 
PHE C   O    doub N N 241 
PHE C   OXT  sing N N 242 
PHE CB  CG   sing N N 243 
PHE CB  HB2  sing N N 244 
PHE CB  HB3  sing N N 245 
PHE CG  CD1  doub Y N 246 
PHE CG  CD2  sing Y N 247 
PHE CD1 CE1  sing Y N 248 
PHE CD1 HD1  sing N N 249 
PHE CD2 CE2  doub Y N 250 
PHE CD2 HD2  sing N N 251 
PHE CE1 CZ   doub Y N 252 
PHE CE1 HE1  sing N N 253 
PHE CE2 CZ   sing Y N 254 
PHE CE2 HE2  sing N N 255 
PHE CZ  HZ   sing N N 256 
PHE OXT HXT  sing N N 257 
PRO N   CA   sing N N 258 
PRO N   CD   sing N N 259 
PRO N   H    sing N N 260 
PRO CA  C    sing N N 261 
PRO CA  CB   sing N N 262 
PRO CA  HA   sing N N 263 
PRO C   O    doub N N 264 
PRO C   OXT  sing N N 265 
PRO CB  CG   sing N N 266 
PRO CB  HB2  sing N N 267 
PRO CB  HB3  sing N N 268 
PRO CG  CD   sing N N 269 
PRO CG  HG2  sing N N 270 
PRO CG  HG3  sing N N 271 
PRO CD  HD2  sing N N 272 
PRO CD  HD3  sing N N 273 
PRO OXT HXT  sing N N 274 
SER N   CA   sing N N 275 
SER N   H    sing N N 276 
SER N   H2   sing N N 277 
SER CA  C    sing N N 278 
SER CA  CB   sing N N 279 
SER CA  HA   sing N N 280 
SER C   O    doub N N 281 
SER C   OXT  sing N N 282 
SER CB  OG   sing N N 283 
SER CB  HB2  sing N N 284 
SER CB  HB3  sing N N 285 
SER OG  HG   sing N N 286 
SER OXT HXT  sing N N 287 
THR N   CA   sing N N 288 
THR N   H    sing N N 289 
THR N   H2   sing N N 290 
THR CA  C    sing N N 291 
THR CA  CB   sing N N 292 
THR CA  HA   sing N N 293 
THR C   O    doub N N 294 
THR C   OXT  sing N N 295 
THR CB  OG1  sing N N 296 
THR CB  CG2  sing N N 297 
THR CB  HB   sing N N 298 
THR OG1 HG1  sing N N 299 
THR CG2 HG21 sing N N 300 
THR CG2 HG22 sing N N 301 
THR CG2 HG23 sing N N 302 
THR OXT HXT  sing N N 303 
TYR N   CA   sing N N 304 
TYR N   H    sing N N 305 
TYR N   H2   sing N N 306 
TYR CA  C    sing N N 307 
TYR CA  CB   sing N N 308 
TYR CA  HA   sing N N 309 
TYR C   O    doub N N 310 
TYR C   OXT  sing N N 311 
TYR CB  CG   sing N N 312 
TYR CB  HB2  sing N N 313 
TYR CB  HB3  sing N N 314 
TYR CG  CD1  doub Y N 315 
TYR CG  CD2  sing Y N 316 
TYR CD1 CE1  sing Y N 317 
TYR CD1 HD1  sing N N 318 
TYR CD2 CE2  doub Y N 319 
TYR CD2 HD2  sing N N 320 
TYR CE1 CZ   doub Y N 321 
TYR CE1 HE1  sing N N 322 
TYR CE2 CZ   sing Y N 323 
TYR CE2 HE2  sing N N 324 
TYR CZ  OH   sing N N 325 
TYR OH  HH   sing N N 326 
TYR OXT HXT  sing N N 327 
VAL N   CA   sing N N 328 
VAL N   H    sing N N 329 
VAL N   H2   sing N N 330 
VAL CA  C    sing N N 331 
VAL CA  CB   sing N N 332 
VAL CA  HA   sing N N 333 
VAL C   O    doub N N 334 
VAL C   OXT  sing N N 335 
VAL CB  CG1  sing N N 336 
VAL CB  CG2  sing N N 337 
VAL CB  HB   sing N N 338 
VAL CG1 HG11 sing N N 339 
VAL CG1 HG12 sing N N 340 
VAL CG1 HG13 sing N N 341 
VAL CG2 HG21 sing N N 342 
VAL CG2 HG22 sing N N 343 
VAL CG2 HG23 sing N N 344 
VAL OXT HXT  sing N N 345 
# 
_em_image_processing.id                   1 
_em_image_processing.image_recording_id   1 
_em_image_processing.details              ? 
# 
_em_image_recording.id                            1 
_em_image_recording.imaging_id                    1 
_em_image_recording.film_or_detector_model        'GENERIC FILM' 
_em_image_recording.avg_electron_dose_per_image   10 
_em_image_recording.average_exposure_time         ? 
_em_image_recording.details                       ? 
_em_image_recording.num_grids_imaged              ? 
_em_image_recording.num_diffraction_images        ? 
_em_image_recording.num_real_images               ? 
_em_image_recording.detector_mode                 ? 
# 
_em_specimen.experiment_id           1 
_em_specimen.id                      1 
_em_specimen.concentration           ? 
_em_specimen.vitrification_applied   YES 
_em_specimen.staining_applied        NO 
_em_specimen.embedding_applied       NO 
_em_specimen.shadowing_applied       NO 
_em_specimen.details                 ? 
# 
_pdbx_coordinate_model.asym_id   A 
_pdbx_coordinate_model.type      'CA ATOMS ONLY' 
# 
_atom_sites.entry_id                    1JQT 
_atom_sites.fract_transf_matrix[1][1]   1.000000 
_atom_sites.fract_transf_matrix[1][2]   0.000000 
_atom_sites.fract_transf_matrix[1][3]   0.000000 
_atom_sites.fract_transf_matrix[2][1]   0.000000 
_atom_sites.fract_transf_matrix[2][2]   1.000000 
_atom_sites.fract_transf_matrix[2][3]   0.000000 
_atom_sites.fract_transf_matrix[3][1]   0.000000 
_atom_sites.fract_transf_matrix[3][2]   0.000000 
_atom_sites.fract_transf_matrix[3][3]   1.000000 
_atom_sites.fract_transf_vector[1]      0.00000 
_atom_sites.fract_transf_vector[2]      0.00000 
_atom_sites.fract_transf_vector[3]      0.00000 
# 
_atom_type.symbol   C 
# 
loop_
_atom_site.group_PDB 
_atom_site.id 
_atom_site.type_symbol 
_atom_site.label_atom_id 
_atom_site.label_alt_id 
_atom_site.label_comp_id 
_atom_site.label_asym_id 
_atom_site.label_entity_id 
_atom_site.label_seq_id 
_atom_site.pdbx_PDB_ins_code 
_atom_site.Cartn_x 
_atom_site.Cartn_y 
_atom_site.Cartn_z 
_atom_site.occupancy 
_atom_site.B_iso_or_equiv 
_atom_site.pdbx_formal_charge 
_atom_site.auth_seq_id 
_atom_site.auth_comp_id 
_atom_site.auth_asym_id 
_atom_site.auth_atom_id 
_atom_site.pdbx_PDB_model_num 
ATOM 1   C CA . GLN A 1 7   ? -4.206  10.031  12.054  1.00 79.42  ? 1   GLN A CA 1 
ATOM 2   C CA . ILE A 1 8   ? -1.153  9.386   9.828   1.00 80.39  ? 2   ILE A CA 1 
ATOM 3   C CA . LYS A 1 9   ? 0.084   6.387   7.786   1.00 77.55  ? 3   LYS A CA 1 
ATOM 4   C CA . LEU A 1 10  ? 3.362   5.027   6.348   1.00 77.13  ? 4   LEU A CA 1 
ATOM 5   C CA . GLN A 1 11  ? 4.759   1.994   4.462   1.00 82.10  ? 5   GLN A CA 1 
ATOM 6   C CA . LEU A 1 12  ? 7.202   -0.424  6.135   1.00 79.90  ? 6   LEU A CA 1 
ATOM 7   C CA . PRO A 1 13  ? 8.379   -4.022  5.512   1.00 76.54  ? 7   PRO A CA 1 
ATOM 8   C CA . ALA A 1 14  ? 5.738   -6.152  7.271   1.00 82.83  ? 8   ALA A CA 1 
ATOM 9   C CA . GLY A 1 15  ? 7.256   -8.507  9.856   1.00 98.24  ? 9   GLY A CA 1 
ATOM 10  C CA . LYS A 1 16  ? 9.977   -6.150  11.176  1.00 98.41  ? 10  LYS A CA 1 
ATOM 11  C CA . ALA A 1 17  ? 10.629  -2.586  12.400  1.00 96.77  ? 11  ALA A CA 1 
ATOM 12  C CA . THR A 1 18  ? 12.903  -0.829  14.991  1.00 98.62  ? 12  THR A CA 1 
ATOM 13  C CA . PRO A 1 19  ? 15.349  1.320   12.862  1.00 100.00 ? 13  PRO A CA 1 
ATOM 14  C CA . ALA A 1 20  ? 15.375  4.873   14.254  1.00 100.00 ? 14  ALA A CA 1 
ATOM 15  C CA . PRO A 1 21  ? 15.798  6.914   11.000  1.00 100.00 ? 15  PRO A CA 1 
ATOM 16  C CA . PRO A 1 22  ? 12.695  5.564   9.101   1.00 100.00 ? 16  PRO A CA 1 
ATOM 17  C CA . VAL A 1 23  ? 10.414  4.834   12.076  1.00 95.98  ? 17  VAL A CA 1 
ATOM 18  C CA . GLY A 1 24  ? 11.456  7.092   15.005  1.00 94.07  ? 18  GLY A CA 1 
ATOM 19  C CA . PRO A 1 25  ? 10.773  10.713  13.915  1.00 93.06  ? 19  PRO A CA 1 
ATOM 20  C CA . ALA A 1 26  ? 7.954   10.029  11.415  1.00 96.04  ? 20  ALA A CA 1 
ATOM 21  C CA . LEU A 1 27  ? 5.198   8.764   13.775  1.00 92.03  ? 21  LEU A CA 1 
ATOM 22  C CA . GLY A 1 28  ? 6.876   9.552   17.153  1.00 88.78  ? 22  GLY A CA 1 
ATOM 23  C CA . GLN A 1 29  ? 6.198   13.296  16.755  1.00 91.11  ? 23  GLN A CA 1 
ATOM 24  C CA . HIS A 1 30  ? 2.409   12.615  16.734  1.00 94.53  ? 24  HIS A CA 1 
ATOM 25  C CA . GLY A 1 31  ? 2.583   11.013  20.226  1.00 90.69  ? 25  GLY A CA 1 
ATOM 26  C CA . VAL A 1 32  ? 3.533   7.371   19.552  1.00 90.50  ? 26  VAL A CA 1 
ATOM 27  C CA . ASN A 1 33  ? 5.604   5.038   21.743  1.00 94.89  ? 27  ASN A CA 1 
ATOM 28  C CA . ILE A 1 34  ? 8.149   3.697   19.210  1.00 97.32  ? 28  ILE A CA 1 
ATOM 29  C CA . MET A 1 35  ? 9.025   0.423   21.005  1.00 99.82  ? 29  MET A CA 1 
ATOM 30  C CA . GLU A 1 36  ? 5.315   -0.296  21.639  1.00 92.68  ? 30  GLU A CA 1 
ATOM 31  C CA . PHE A 1 37  ? 4.534   0.347   17.936  1.00 95.14  ? 31  PHE A CA 1 
ATOM 32  C CA . CYS A 1 38  ? 7.367   -1.920  16.718  1.00 95.64  ? 32  CYS A CA 1 
ATOM 33  C CA . LYS A 1 39  ? 6.334   -4.816  19.011  1.00 96.22  ? 33  LYS A CA 1 
ATOM 34  C CA . ARG A 1 40  ? 2.564   -4.610  18.364  1.00 89.97  ? 34  ARG A CA 1 
ATOM 35  C CA . PHE A 1 41  ? 3.150   -4.160  14.597  1.00 82.17  ? 35  PHE A CA 1 
ATOM 36  C CA . ASN A 1 42  ? 5.748   -6.954  14.136  1.00 86.52  ? 36  ASN A CA 1 
ATOM 37  C CA . ALA A 1 43  ? 3.613   -9.458  16.139  1.00 84.79  ? 37  ALA A CA 1 
ATOM 38  C CA . GLU A 1 44  ? 0.858   -10.173 13.558  1.00 90.10  ? 38  GLU A CA 1 
ATOM 39  C CA . THR A 1 45  ? 2.771   -8.847  10.508  1.00 91.97  ? 39  THR A CA 1 
ATOM 40  C CA . ALA A 1 46  ? 5.352   -11.648 11.034  1.00 93.30  ? 40  ALA A CA 1 
ATOM 41  C CA . ASP A 1 47  ? 2.706   -13.821 9.296   1.00 100.00 ? 41  ASP A CA 1 
ATOM 42  C CA . LYS A 1 48  ? 2.963   -11.604 6.162   1.00 99.10  ? 42  LYS A CA 1 
ATOM 43  C CA . ALA A 1 49  ? 6.740   -10.946 6.502   1.00 93.02  ? 43  ALA A CA 1 
ATOM 44  C CA . GLY A 1 50  ? 8.942   -9.152  3.941   1.00 90.09  ? 44  GLY A CA 1 
ATOM 45  C CA . MET A 1 51  ? 6.112   -7.534  1.931   1.00 88.05  ? 45  MET A CA 1 
ATOM 46  C CA . ILE A 1 52  ? 6.021   -3.706  2.028   1.00 76.40  ? 46  ILE A CA 1 
ATOM 47  C CA . LEU A 1 53  ? 2.536   -2.359  2.960   1.00 75.31  ? 47  LEU A CA 1 
ATOM 48  C CA . PRO A 1 54  ? 0.973   0.647   4.819   1.00 73.63  ? 48  PRO A CA 1 
ATOM 49  C CA . VAL A 1 55  ? -0.123  0.798   8.471   1.00 70.19  ? 49  VAL A CA 1 
ATOM 50  C CA . VAL A 1 56  ? -2.618  3.518   9.506   1.00 73.93  ? 50  VAL A CA 1 
ATOM 51  C CA . ILE A 1 57  ? -1.442  5.043   12.824  1.00 77.59  ? 51  ILE A CA 1 
ATOM 52  C CA . THR A 1 58  ? -4.495  6.551   14.599  1.00 82.77  ? 52  THR A CA 1 
ATOM 53  C CA . VAL A 1 59  ? -3.079  8.552   17.555  1.00 85.45  ? 53  VAL A CA 1 
ATOM 54  C CA . TYR A 1 60  ? -4.986  9.861   20.627  1.00 88.03  ? 54  TYR A CA 1 
ATOM 55  C CA . GLU A 1 61  ? -4.737  12.808  23.068  1.00 86.30  ? 55  GLU A CA 1 
ATOM 56  C CA . ASP A 1 62  ? -3.078  10.645  25.797  1.00 83.65  ? 56  ASP A CA 1 
ATOM 57  C CA . LYS A 1 63  ? -0.226  9.724   23.362  1.00 89.76  ? 57  LYS A CA 1 
ATOM 58  C CA . SER A 1 64  ? -1.844  6.279   22.914  1.00 87.60  ? 58  SER A CA 1 
ATOM 59  C CA . PHE A 1 65  ? -2.381  4.926   19.396  1.00 86.65  ? 59  PHE A CA 1 
ATOM 60  C CA . THR A 1 66  ? -4.150  2.053   17.593  1.00 79.66  ? 60  THR A CA 1 
ATOM 61  C CA . PHE A 1 67  ? -3.840  1.001   13.947  1.00 76.33  ? 61  PHE A CA 1 
ATOM 62  C CA . ILE A 1 68  ? -4.817  -1.328  11.092  1.00 70.90  ? 62  ILE A CA 1 
ATOM 63  C CA . ILE A 1 69  ? -2.620  -2.906  8.386   1.00 65.88  ? 63  ILE A CA 1 
ATOM 64  C CA . LYS A 1 70  ? -3.832  -2.280  4.794   1.00 49.56  ? 64  LYS A CA 1 
ATOM 65  C CA . THR A 1 71  ? -2.773  -4.152  1.617   1.00 48.54  ? 65  THR A CA 1 
ATOM 66  C CA . PRO A 1 72  ? -2.238  -0.724  -0.041  1.00 39.98  ? 66  PRO A CA 1 
ATOM 67  C CA . PRO A 1 73  ? -0.301  -0.113  -3.334  1.00 35.21  ? 67  PRO A CA 1 
ATOM 68  C CA . ALA A 1 74  ? -2.431  -0.029  -6.512  1.00 29.59  ? 68  ALA A CA 1 
ATOM 69  C CA . SER A 1 75  ? 0.437   -2.071  -7.992  1.00 31.31  ? 69  SER A CA 1 
ATOM 70  C CA . PHE A 1 76  ? -0.200  -4.948  -5.500  1.00 34.16  ? 70  PHE A CA 1 
ATOM 71  C CA . LEU A 1 77  ? -3.921  -4.908  -6.365  1.00 42.01  ? 71  LEU A CA 1 
ATOM 72  C CA . LEU A 1 78  ? -2.999  -4.970  -10.104 1.00 34.91  ? 72  LEU A CA 1 
ATOM 73  C CA . LYS A 1 79  ? -0.506  -7.889  -9.676  1.00 38.30  ? 73  LYS A CA 1 
ATOM 74  C CA . LYS A 1 80  ? -3.183  -9.896  -7.819  1.00 38.23  ? 74  LYS A CA 1 
ATOM 75  C CA . ALA A 1 81  ? -5.931  -8.856  -10.308 1.00 43.40  ? 75  ALA A CA 1 
ATOM 76  C CA . ALA A 1 82  ? -3.789  -9.918  -13.309 1.00 44.61  ? 76  ALA A CA 1 
ATOM 77  C CA . GLY A 1 83  ? -3.012  -13.157 -11.409 1.00 37.87  ? 77  GLY A CA 1 
ATOM 78  C CA . ILE A 1 84  ? 0.777   -12.768 -11.029 1.00 37.65  ? 78  ILE A CA 1 
ATOM 79  C CA . GLU A 1 85  ? 3.012   -12.587 -7.934  1.00 47.13  ? 79  GLU A CA 1 
ATOM 80  C CA . LYS A 1 86  ? 5.421   -9.857  -9.158  1.00 38.76  ? 80  LYS A CA 1 
ATOM 81  C CA . GLY A 1 87  ? 5.630   -7.242  -11.941 1.00 33.53  ? 81  GLY A CA 1 
ATOM 82  C CA . SER A 1 88  ? 7.794   -7.065  -15.091 1.00 31.79  ? 82  SER A CA 1 
ATOM 83  C CA . SER A 1 89  ? 11.599  -6.864  -14.872 1.00 35.62  ? 83  SER A CA 1 
ATOM 84  C CA . GLU A 1 90  ? 11.318  -4.432  -17.824 1.00 38.55  ? 84  GLU A CA 1 
ATOM 85  C CA . PRO A 1 91  ? 7.752   -2.980  -18.153 1.00 37.71  ? 85  PRO A CA 1 
ATOM 86  C CA . LYS A 1 92  ? 6.437   -2.218  -21.701 1.00 36.65  ? 86  LYS A CA 1 
ATOM 87  C CA . ARG A 1 93  ? 9.330   -4.168  -23.318 1.00 29.80  ? 87  ARG A CA 1 
ATOM 88  C CA . LYS A 1 94  ? 8.251   -7.295  -21.385 1.00 30.94  ? 88  LYS A CA 1 
ATOM 89  C CA . ILE A 1 95  ? 4.556   -7.829  -20.518 1.00 31.34  ? 89  ILE A CA 1 
ATOM 90  C CA . VAL A 1 96  ? 3.802   -10.142 -17.550 1.00 29.74  ? 90  VAL A CA 1 
ATOM 91  C CA . GLY A 1 97  ? -0.018  -9.946  -17.585 1.00 35.16  ? 91  GLY A CA 1 
ATOM 92  C CA . LYS A 1 98  ? -3.112  -7.790  -18.124 1.00 40.57  ? 92  LYS A CA 1 
ATOM 93  C CA . VAL A 1 99  ? -6.385  -6.761  -16.434 1.00 41.33  ? 93  VAL A CA 1 
ATOM 94  C CA . THR A 1 100 ? -9.793  -5.763  -17.829 1.00 42.43  ? 94  THR A CA 1 
ATOM 95  C CA . ARG A 1 101 ? -11.038 -2.142  -17.781 1.00 49.44  ? 95  ARG A CA 1 
ATOM 96  C CA . LYS A 1 102 ? -13.718 -3.608  -15.461 1.00 51.76  ? 96  LYS A CA 1 
ATOM 97  C CA . GLN A 1 103 ? -10.999 -4.726  -12.989 1.00 44.08  ? 97  GLN A CA 1 
ATOM 98  C CA . ILE A 1 104 ? -9.499  -1.206  -13.313 1.00 35.57  ? 98  ILE A CA 1 
ATOM 99  C CA . GLU A 1 105 ? -12.985 0.172   -12.414 1.00 53.52  ? 99  GLU A CA 1 
ATOM 100 C CA . GLU A 1 106 ? -13.177 -2.167  -9.374  1.00 52.07  ? 100 GLU A CA 1 
ATOM 101 C CA . ILE A 1 107 ? -9.692  -1.190  -8.071  1.00 39.41  ? 101 ILE A CA 1 
ATOM 102 C CA . ALA A 1 108 ? -10.473 2.522   -8.632  1.00 42.41  ? 102 ALA A CA 1 
ATOM 103 C CA . LYS A 1 109 ? -13.740 2.011   -6.674  1.00 44.59  ? 103 LYS A CA 1 
ATOM 104 C CA . THR A 1 110 ? -11.930 0.324   -3.737  1.00 42.63  ? 104 THR A CA 1 
ATOM 105 C CA . LYS A 1 111 ? -9.453  3.241   -3.354  1.00 42.77  ? 105 LYS A CA 1 
ATOM 106 C CA . MET A 1 112 ? -11.849 6.039   -4.478  1.00 41.26  ? 106 MET A CA 1 
ATOM 107 C CA . PRO A 1 113 ? -11.272 8.281   -1.370  1.00 29.51  ? 107 PRO A CA 1 
ATOM 108 C CA . ASP A 1 114 ? -7.465  7.755   -1.581  1.00 36.41  ? 108 ASP A CA 1 
ATOM 109 C CA . LEU A 1 115 ? -7.242  8.756   -5.266  1.00 33.57  ? 109 LEU A CA 1 
ATOM 110 C CA . ASN A 1 116 ? -7.468  12.567  -5.699  1.00 33.28  ? 110 ASN A CA 1 
ATOM 111 C CA . ALA A 1 117 ? -9.424  12.050  -9.000  1.00 41.18  ? 111 ALA A CA 1 
ATOM 112 C CA . ASN A 1 118 ? -12.598 14.152  -9.417  1.00 42.41  ? 112 ASN A CA 1 
ATOM 113 C CA . SER A 1 119 ? -14.223 11.677  -11.846 1.00 43.86  ? 113 SER A CA 1 
ATOM 114 C CA . LEU A 1 120 ? -14.486 7.878   -12.127 1.00 44.83  ? 114 LEU A CA 1 
ATOM 115 C CA . GLU A 1 121 ? -12.690 8.213   -15.498 1.00 47.46  ? 115 GLU A CA 1 
ATOM 116 C CA . ALA A 1 122 ? -9.825  10.080  -13.787 1.00 38.97  ? 116 ALA A CA 1 
ATOM 117 C CA . ALA A 1 123 ? -9.734  7.518   -10.933 1.00 36.26  ? 117 ALA A CA 1 
ATOM 118 C CA . MET A 1 124 ? -9.415  4.623   -13.417 1.00 34.84  ? 118 MET A CA 1 
ATOM 119 C CA . LYS A 1 125 ? -6.775  6.545   -15.440 1.00 28.15  ? 119 LYS A CA 1 
ATOM 120 C CA . ILE A 1 126 ? -4.561  6.874   -12.301 1.00 29.89  ? 120 ILE A CA 1 
ATOM 121 C CA . ILE A 1 127 ? -4.636  3.060   -11.866 1.00 27.70  ? 121 ILE A CA 1 
ATOM 122 C CA . GLU A 1 128 ? -3.931  2.663   -15.629 1.00 28.43  ? 122 GLU A CA 1 
ATOM 123 C CA . GLY A 1 129 ? -0.865  4.883   -15.015 1.00 21.91  ? 123 GLY A CA 1 
ATOM 124 C CA . THR A 1 130 ? 0.342   2.326   -12.430 1.00 25.94  ? 124 THR A CA 1 
ATOM 125 C CA . ALA A 1 131 ? -0.558  -0.662  -14.686 1.00 26.64  ? 125 ALA A CA 1 
ATOM 126 C CA . LYS A 1 132 ? 1.584   0.700   -17.562 1.00 27.21  ? 126 LYS A CA 1 
ATOM 127 C CA . SER A 1 133 ? 4.755   1.042   -15.404 1.00 33.04  ? 127 SER A CA 1 
ATOM 128 C CA . MET A 1 134 ? 4.691   -2.674  -14.408 1.00 25.82  ? 128 MET A CA 1 
ATOM 129 C CA . GLY A 1 135 ? 3.843   -4.538  -17.673 1.00 22.84  ? 129 GLY A CA 1 
ATOM 130 C CA . ILE A 1 136 ? 0.128   -5.095  -16.917 1.00 29.45  ? 130 ILE A CA 1 
ATOM 131 C CA . GLU A 1 137 ? -1.918  -4.140  -20.009 1.00 39.24  ? 131 GLU A CA 1 
ATOM 132 C CA . VAL A 1 138 ? -5.585  -3.018  -20.063 1.00 52.55  ? 132 VAL A CA 1 
ATOM 133 C CA . VAL A 1 139 ? -8.293  -4.948  -21.991 1.00 58.40  ? 133 VAL A CA 1 
# 
